data_4L31
#
_entry.id   4L31
#
_cell.length_a   91.300
_cell.length_b   97.560
_cell.length_c   118.760
_cell.angle_alpha   90.00
_cell.angle_beta   90.00
_cell.angle_gamma   90.00
#
_symmetry.space_group_name_H-M   'C 2 2 21'
#
loop_
_entity.id
_entity.type
_entity.pdbx_description
1 polymer Tankyrase-2
2 polymer Tankyrase-2
3 non-polymer 'methyl 4-(4-oxo-4H-chromen-2-yl)benzoate'
4 non-polymer 'SULFATE ION'
5 non-polymer 'ZINC ION'
6 non-polymer GLYCEROL
7 water water
#
loop_
_entity_poly.entity_id
_entity_poly.type
_entity_poly.pdbx_seq_one_letter_code
_entity_poly.pdbx_strand_id
1 'polypeptide(L)'
;MHHHHHHSSGVDLGTENLYFQSMLNTSGSGTILIDLSPDDKEFQSVEEEMQSTVREHRDGGHAGGIFNRYNILKIQKVCN
KKLWERYTHRRKEVSEENHNHANERMLFHGSPFVNAIIHKGFDERHAYIGGMFGAGIYFAENSSKSNQYVYGIGGGTGCP
VHKDRSCYICHRQLLFCRVTLGKSFLQFSAM
;
A,B
2 'polypeptide(L)' KMAHSPPGHHSVTGRPSVNGLALAEYVIYRGEQAYPEYLITYQIMRPEG C,D
#
loop_
_chem_comp.id
_chem_comp.type
_chem_comp.name
_chem_comp.formula
F08 non-polymer 'methyl 4-(4-oxo-4H-chromen-2-yl)benzoate' 'C17 H12 O4'
GOL non-polymer GLYCEROL 'C3 H8 O3'
SO4 non-polymer 'SULFATE ION' 'O4 S -2'
ZN non-polymer 'ZINC ION' 'Zn 2'
#
# COMPACT_ATOMS: atom_id res chain seq x y z
N GLY A 30 30.34 -21.55 6.64
CA GLY A 30 30.45 -22.16 5.30
C GLY A 30 30.48 -21.12 4.18
N THR A 31 30.15 -19.87 4.47
CA THR A 31 30.02 -18.90 3.40
C THR A 31 31.37 -18.28 3.05
N ILE A 32 31.69 -18.26 1.75
CA ILE A 32 32.74 -17.39 1.28
C ILE A 32 32.20 -16.43 0.21
N LEU A 33 32.77 -15.24 0.21
CA LEU A 33 32.41 -14.14 -0.69
C LEU A 33 33.56 -13.92 -1.68
N ILE A 34 33.26 -14.07 -2.96
CA ILE A 34 34.23 -13.83 -4.03
C ILE A 34 33.92 -12.54 -4.74
N ASP A 35 34.89 -11.64 -4.79
CA ASP A 35 34.70 -10.35 -5.42
CA ASP A 35 34.73 -10.36 -5.45
C ASP A 35 34.69 -10.49 -6.95
N LEU A 36 33.75 -9.82 -7.62
CA LEU A 36 33.76 -9.85 -9.07
C LEU A 36 34.49 -8.64 -9.55
N SER A 37 35.22 -8.79 -10.64
CA SER A 37 35.91 -7.65 -11.23
C SER A 37 34.86 -6.86 -12.01
N PRO A 38 34.94 -5.53 -12.01
CA PRO A 38 34.09 -4.74 -12.92
C PRO A 38 34.19 -5.06 -14.40
N ASP A 39 35.28 -5.71 -14.81
CA ASP A 39 35.49 -6.17 -16.18
C ASP A 39 34.78 -7.46 -16.47
N ASP A 40 34.25 -8.10 -15.46
CA ASP A 40 33.62 -9.40 -15.64
C ASP A 40 32.20 -9.14 -16.12
N LYS A 41 31.81 -9.90 -17.14
CA LYS A 41 30.47 -9.80 -17.74
C LYS A 41 29.38 -10.02 -16.71
N GLU A 42 29.67 -10.84 -15.71
CA GLU A 42 28.75 -11.17 -14.67
C GLU A 42 28.59 -9.96 -13.70
N PHE A 43 29.66 -9.22 -13.41
CA PHE A 43 29.54 -7.94 -12.66
C PHE A 43 28.64 -6.99 -13.47
N GLN A 44 28.95 -6.88 -14.74
CA GLN A 44 28.25 -5.94 -15.59
C GLN A 44 26.76 -6.26 -15.72
N SER A 45 26.38 -7.52 -15.82
CA SER A 45 24.97 -7.82 -16.01
C SER A 45 24.18 -7.62 -14.70
N VAL A 46 24.80 -7.92 -13.56
CA VAL A 46 24.17 -7.66 -12.24
C VAL A 46 24.06 -6.14 -12.04
N GLU A 47 25.10 -5.37 -12.37
CA GLU A 47 25.02 -3.92 -12.20
C GLU A 47 23.88 -3.39 -13.06
N GLU A 48 23.79 -3.87 -14.30
CA GLU A 48 22.74 -3.39 -15.21
C GLU A 48 21.33 -3.68 -14.68
N GLU A 49 21.13 -4.85 -14.06
CA GLU A 49 19.84 -5.14 -13.43
C GLU A 49 19.58 -4.18 -12.26
N MET A 50 20.59 -3.88 -11.43
CA MET A 50 20.47 -2.85 -10.37
C MET A 50 20.02 -1.52 -10.93
N GLN A 51 20.77 -1.04 -11.92
CA GLN A 51 20.58 0.34 -12.36
C GLN A 51 19.26 0.48 -13.13
N SER A 52 18.94 -0.50 -13.95
CA SER A 52 17.84 -0.33 -14.89
C SER A 52 16.51 -0.56 -14.25
N THR A 53 16.48 -1.08 -13.03
CA THR A 53 15.20 -1.30 -12.33
C THR A 53 14.98 -0.30 -11.21
N VAL A 54 15.70 0.82 -11.23
CA VAL A 54 15.33 1.99 -10.41
C VAL A 54 14.04 2.64 -10.92
N ARG A 55 13.11 2.95 -10.03
CA ARG A 55 11.94 3.78 -10.40
C ARG A 55 11.74 4.81 -9.31
N GLU A 56 10.84 5.78 -9.58
CA GLU A 56 10.38 6.69 -8.54
C GLU A 56 9.33 5.97 -7.68
N HIS A 57 9.27 6.36 -6.41
CA HIS A 57 8.38 5.76 -5.43
C HIS A 57 7.37 6.75 -4.97
N ARG A 58 6.21 6.27 -4.56
CA ARG A 58 5.09 7.14 -4.29
C ARG A 58 5.27 7.93 -2.99
N ASP A 59 6.30 7.53 -2.20
CA ASP A 59 6.66 8.29 -1.03
C ASP A 59 7.60 9.46 -1.27
N GLY A 60 7.86 9.79 -2.52
CA GLY A 60 8.79 10.86 -2.84
C GLY A 60 10.23 10.68 -2.34
N GLY A 61 10.62 9.45 -2.00
CA GLY A 61 11.95 9.20 -1.42
C GLY A 61 12.03 9.04 0.09
N HIS A 62 10.88 9.15 0.75
CA HIS A 62 10.87 9.09 2.18
C HIS A 62 11.62 7.89 2.74
N ALA A 63 11.29 6.68 2.28
CA ALA A 63 11.84 5.45 2.88
C ALA A 63 13.25 5.18 2.42
N GLY A 64 13.49 5.38 1.14
CA GLY A 64 14.71 4.88 0.49
C GLY A 64 15.68 5.94 0.06
N GLY A 65 15.27 7.20 0.07
CA GLY A 65 16.07 8.29 -0.49
C GLY A 65 15.69 8.77 -1.87
N ILE A 66 16.27 9.90 -2.23
CA ILE A 66 16.04 10.51 -3.53
C ILE A 66 17.23 10.23 -4.42
N PHE A 67 17.04 9.47 -5.51
CA PHE A 67 18.11 9.07 -6.40
C PHE A 67 17.47 8.48 -7.65
N ASN A 68 18.17 8.59 -8.78
CA ASN A 68 17.79 7.91 -9.99
C ASN A 68 18.77 6.81 -10.35
N ARG A 69 19.87 6.70 -9.63
CA ARG A 69 20.84 5.66 -9.90
C ARG A 69 21.77 5.51 -8.73
N TYR A 70 22.56 4.46 -8.80
CA TYR A 70 23.50 4.11 -7.79
C TYR A 70 24.96 4.25 -8.22
N ASN A 71 25.81 4.37 -7.21
CA ASN A 71 27.25 4.11 -7.35
C ASN A 71 27.54 2.69 -6.83
N ILE A 72 27.80 1.75 -7.74
CA ILE A 72 28.02 0.38 -7.33
C ILE A 72 29.47 0.32 -6.88
N LEU A 73 29.69 -0.13 -5.65
CA LEU A 73 31.03 -0.16 -5.06
C LEU A 73 31.65 -1.56 -5.11
N LYS A 74 30.83 -2.59 -5.00
CA LYS A 74 31.38 -3.92 -5.02
C LYS A 74 30.25 -4.91 -5.30
N ILE A 75 30.58 -6.00 -6.01
CA ILE A 75 29.63 -7.07 -6.24
C ILE A 75 30.35 -8.34 -5.89
N GLN A 76 29.86 -9.05 -4.89
CA GLN A 76 30.42 -10.32 -4.46
C GLN A 76 29.46 -11.50 -4.73
N LYS A 77 30.02 -12.60 -5.17
CA LYS A 77 29.30 -13.84 -5.31
C LYS A 77 29.31 -14.57 -3.96
N VAL A 78 28.14 -15.02 -3.54
CA VAL A 78 27.96 -15.62 -2.25
C VAL A 78 28.02 -17.12 -2.47
N CYS A 79 28.99 -17.79 -1.88
CA CYS A 79 29.17 -19.25 -2.06
C CYS A 79 29.03 -19.97 -0.75
N ASN A 80 27.98 -20.78 -0.66
CA ASN A 80 27.78 -21.66 0.48
C ASN A 80 27.16 -22.94 0.01
N LYS A 81 27.92 -24.04 0.08
CA LYS A 81 27.51 -25.32 -0.47
C LYS A 81 26.22 -25.83 0.21
N LYS A 82 26.19 -25.78 1.53
CA LYS A 82 25.01 -26.25 2.25
C LYS A 82 23.74 -25.43 1.90
N LEU A 83 23.85 -24.11 1.84
CA LEU A 83 22.68 -23.28 1.54
C LEU A 83 22.20 -23.51 0.09
N TRP A 84 23.15 -23.75 -0.82
CA TRP A 84 22.86 -23.96 -2.24
C TRP A 84 22.13 -25.27 -2.41
N GLU A 85 22.63 -26.31 -1.75
CA GLU A 85 22.00 -27.61 -1.82
C GLU A 85 20.63 -27.62 -1.16
N ARG A 86 20.49 -26.87 -0.09
CA ARG A 86 19.19 -26.64 0.54
C ARG A 86 18.19 -25.98 -0.47
N TYR A 87 18.68 -24.98 -1.20
CA TYR A 87 17.92 -24.33 -2.25
C TYR A 87 17.53 -25.30 -3.40
N THR A 88 18.50 -26.02 -3.97
CA THR A 88 18.21 -26.90 -5.14
C THR A 88 17.33 -28.10 -4.78
N HIS A 89 17.47 -28.60 -3.56
CA HIS A 89 16.57 -29.66 -3.09
C HIS A 89 15.12 -29.19 -3.12
N ARG A 90 14.85 -28.02 -2.55
CA ARG A 90 13.51 -27.46 -2.55
C ARG A 90 13.04 -27.08 -3.98
N ARG A 91 13.98 -26.65 -4.80
CA ARG A 91 13.66 -26.24 -6.16
C ARG A 91 13.13 -27.45 -6.93
N LYS A 92 13.79 -28.60 -6.78
CA LYS A 92 13.29 -29.84 -7.41
C LYS A 92 11.94 -30.28 -6.88
N GLU A 93 11.72 -30.19 -5.59
CA GLU A 93 10.38 -30.51 -5.09
C GLU A 93 9.28 -29.65 -5.74
N VAL A 94 9.52 -28.34 -5.79
CA VAL A 94 8.56 -27.41 -6.39
C VAL A 94 8.37 -27.73 -7.88
N SER A 95 9.49 -27.93 -8.60
CA SER A 95 9.45 -28.30 -9.99
C SER A 95 8.56 -29.53 -10.24
N GLU A 96 8.76 -30.58 -9.44
CA GLU A 96 7.99 -31.80 -9.61
C GLU A 96 6.52 -31.62 -9.28
N GLU A 97 6.18 -30.60 -8.50
CA GLU A 97 4.78 -30.24 -8.19
C GLU A 97 4.16 -29.27 -9.23
N ASN A 98 4.95 -28.85 -10.23
CA ASN A 98 4.52 -27.80 -11.16
C ASN A 98 5.07 -28.12 -12.56
N HIS A 99 4.73 -29.31 -13.07
CA HIS A 99 5.12 -29.77 -14.43
C HIS A 99 6.53 -29.44 -14.79
N ASN A 100 7.45 -29.80 -13.90
CA ASN A 100 8.89 -29.57 -14.10
C ASN A 100 9.29 -28.11 -14.38
N HIS A 101 8.62 -27.18 -13.72
CA HIS A 101 8.86 -25.76 -13.86
C HIS A 101 9.01 -25.12 -12.50
N ALA A 102 10.24 -24.81 -12.12
CA ALA A 102 10.55 -24.13 -10.86
C ALA A 102 10.07 -22.70 -10.88
N ASN A 103 9.95 -22.10 -12.07
CA ASN A 103 9.57 -20.70 -12.20
C ASN A 103 10.52 -19.87 -11.38
N GLU A 104 11.81 -20.00 -11.70
CA GLU A 104 12.90 -19.34 -11.02
C GLU A 104 13.18 -17.95 -11.59
N ARG A 105 13.28 -16.97 -10.70
CA ARG A 105 13.61 -15.60 -11.07
C ARG A 105 14.87 -15.14 -10.28
N MET A 106 15.48 -14.06 -10.77
CA MET A 106 16.45 -13.31 -9.99
C MET A 106 15.82 -12.02 -9.51
N LEU A 107 15.81 -11.84 -8.20
CA LEU A 107 15.07 -10.74 -7.59
C LEU A 107 15.86 -10.10 -6.46
N PHE A 108 15.52 -8.86 -6.14
CA PHE A 108 16.24 -8.14 -5.11
C PHE A 108 15.64 -8.34 -3.76
N HIS A 109 16.50 -8.27 -2.74
CA HIS A 109 16.06 -8.32 -1.36
C HIS A 109 16.90 -7.32 -0.56
N GLY A 110 16.25 -6.41 0.16
CA GLY A 110 16.94 -5.44 1.01
C GLY A 110 16.51 -5.68 2.44
N SER A 111 17.48 -5.70 3.36
CA SER A 111 17.20 -6.08 4.73
C SER A 111 18.30 -5.59 5.66
N PRO A 112 17.91 -5.17 6.88
CA PRO A 112 18.99 -4.95 7.84
C PRO A 112 19.74 -6.22 8.17
N PHE A 113 19.20 -7.39 7.82
CA PHE A 113 19.84 -8.67 8.20
C PHE A 113 20.64 -9.42 7.11
N VAL A 114 21.14 -8.69 6.12
CA VAL A 114 21.85 -9.27 4.98
C VAL A 114 23.03 -10.11 5.43
N ASN A 115 23.74 -9.66 6.46
CA ASN A 115 24.87 -10.46 7.01
C ASN A 115 24.43 -11.78 7.60
N ALA A 116 23.35 -11.83 8.38
CA ALA A 116 22.86 -13.15 8.79
C ALA A 116 22.38 -13.99 7.60
N ILE A 117 21.77 -13.34 6.62
CA ILE A 117 21.21 -14.12 5.48
C ILE A 117 22.30 -14.82 4.69
N ILE A 118 23.39 -14.11 4.40
CA ILE A 118 24.43 -14.73 3.57
C ILE A 118 25.16 -15.87 4.29
N HIS A 119 25.16 -15.83 5.62
CA HIS A 119 25.82 -16.87 6.44
C HIS A 119 24.94 -18.01 6.85
N LYS A 120 23.67 -17.74 7.14
CA LYS A 120 22.77 -18.80 7.64
C LYS A 120 21.58 -19.11 6.73
N GLY A 121 21.33 -18.30 5.71
CA GLY A 121 20.23 -18.55 4.80
C GLY A 121 19.03 -17.72 5.19
N PHE A 122 18.01 -17.71 4.33
CA PHE A 122 16.74 -17.10 4.68
C PHE A 122 15.99 -18.02 5.65
N ASP A 123 15.32 -17.43 6.63
CA ASP A 123 14.47 -18.16 7.54
C ASP A 123 13.37 -17.21 8.08
N GLU A 124 12.50 -17.74 8.93
CA GLU A 124 11.40 -16.93 9.54
C GLU A 124 11.76 -15.56 10.12
N ARG A 125 12.99 -15.39 10.60
CA ARG A 125 13.43 -14.11 11.16
C ARG A 125 13.69 -13.05 10.11
N HIS A 126 13.65 -13.40 8.83
CA HIS A 126 13.77 -12.39 7.76
C HIS A 126 12.40 -12.11 7.10
N ALA A 127 11.34 -12.69 7.67
CA ALA A 127 9.97 -12.53 7.16
C ALA A 127 9.43 -11.14 7.48
N TYR A 128 8.67 -10.55 6.57
CA TYR A 128 7.96 -9.30 6.81
C TYR A 128 6.62 -9.64 7.45
N ILE A 129 6.58 -9.67 8.78
CA ILE A 129 5.40 -10.08 9.51
C ILE A 129 4.21 -9.21 9.11
N GLY A 130 4.41 -7.92 8.98
CA GLY A 130 3.31 -7.00 8.59
C GLY A 130 3.07 -6.77 7.09
N GLY A 131 3.69 -7.58 6.22
CA GLY A 131 3.58 -7.33 4.80
C GLY A 131 2.18 -7.53 4.24
N MET A 132 1.95 -6.97 3.09
CA MET A 132 0.60 -6.96 2.52
C MET A 132 0.09 -8.29 2.02
N PHE A 133 1.00 -9.26 1.86
CA PHE A 133 0.65 -10.61 1.43
C PHE A 133 0.95 -11.57 2.54
N GLY A 134 1.01 -11.06 3.75
CA GLY A 134 1.15 -11.89 4.94
C GLY A 134 2.62 -12.05 5.32
N ALA A 135 2.85 -12.80 6.38
CA ALA A 135 4.15 -13.00 6.96
C ALA A 135 4.98 -13.95 6.07
N GLY A 136 5.73 -13.38 5.13
CA GLY A 136 6.64 -14.17 4.31
C GLY A 136 7.90 -13.38 4.00
N ILE A 137 8.71 -13.92 3.14
CA ILE A 137 9.95 -13.22 2.75
C ILE A 137 9.67 -12.57 1.40
N TYR A 138 9.92 -11.28 1.33
CA TYR A 138 9.52 -10.44 0.22
C TYR A 138 10.75 -10.12 -0.67
N PHE A 139 10.49 -10.08 -1.97
CA PHE A 139 11.50 -9.75 -3.00
C PHE A 139 10.91 -8.82 -4.04
N ALA A 140 11.76 -8.08 -4.73
CA ALA A 140 11.30 -7.09 -5.69
C ALA A 140 12.04 -7.16 -6.99
N GLU A 141 11.31 -6.90 -8.07
CA GLU A 141 11.93 -6.68 -9.38
C GLU A 141 12.59 -5.33 -9.43
N ASN A 142 12.00 -4.31 -8.78
CA ASN A 142 12.66 -3.01 -8.71
C ASN A 142 13.74 -3.00 -7.58
N SER A 143 15.01 -2.85 -7.95
CA SER A 143 16.05 -2.66 -6.94
C SER A 143 15.69 -1.54 -5.96
N SER A 144 15.10 -0.44 -6.49
CA SER A 144 14.75 0.70 -5.65
C SER A 144 13.68 0.38 -4.61
N LYS A 145 12.83 -0.61 -4.90
CA LYS A 145 11.86 -1.07 -3.90
C LYS A 145 12.56 -1.78 -2.72
N SER A 146 13.46 -2.72 -3.01
CA SER A 146 14.32 -3.35 -1.99
C SER A 146 15.20 -2.36 -1.25
N ASN A 147 15.64 -1.29 -1.90
CA ASN A 147 16.43 -0.28 -1.24
C ASN A 147 15.66 0.39 -0.09
N GLN A 148 14.33 0.43 -0.18
CA GLN A 148 13.48 1.06 0.84
C GLN A 148 13.52 0.25 2.16
N TYR A 149 14.00 -0.98 2.11
CA TYR A 149 14.05 -1.84 3.29
C TYR A 149 15.42 -2.10 3.88
N VAL A 150 16.46 -1.58 3.24
CA VAL A 150 17.83 -1.78 3.70
C VAL A 150 18.05 -1.32 5.16
N TYR A 151 17.43 -0.21 5.57
CA TYR A 151 17.59 0.28 6.93
C TYR A 151 16.39 -0.02 7.78
N GLY A 152 15.54 -0.93 7.31
CA GLY A 152 14.36 -1.36 8.05
C GLY A 152 13.08 -1.05 7.27
N ILE A 153 11.96 -1.50 7.84
CA ILE A 153 10.65 -1.26 7.26
CA ILE A 153 10.61 -1.25 7.30
C ILE A 153 10.46 0.25 7.16
N GLY A 154 9.91 0.72 6.05
CA GLY A 154 9.80 2.16 5.83
C GLY A 154 11.16 2.89 5.88
N GLY A 155 12.27 2.15 5.78
CA GLY A 155 13.58 2.78 5.88
C GLY A 155 14.06 3.05 7.31
N GLY A 156 13.25 2.63 8.30
CA GLY A 156 13.62 2.72 9.69
C GLY A 156 13.99 4.13 10.02
N THR A 157 15.08 4.31 10.74
CA THR A 157 15.61 5.66 11.01
C THR A 157 16.75 6.06 10.08
N GLY A 158 16.90 5.36 8.96
CA GLY A 158 17.95 5.67 8.00
C GLY A 158 19.28 5.09 8.42
N CYS A 159 20.35 5.62 7.86
CA CYS A 159 21.68 5.07 8.05
C CYS A 159 22.04 5.10 9.54
N PRO A 160 22.76 4.08 10.03
CA PRO A 160 23.12 4.13 11.44
C PRO A 160 23.99 5.34 11.85
N VAL A 161 24.80 5.88 10.95
CA VAL A 161 25.75 6.91 11.35
C VAL A 161 25.10 8.27 11.33
N HIS A 162 24.34 8.59 10.28
CA HIS A 162 23.73 9.91 10.19
C HIS A 162 22.23 9.97 10.43
N LYS A 163 21.58 8.84 10.65
CA LYS A 163 20.12 8.84 10.77
C LYS A 163 19.42 9.50 9.57
N ASP A 164 19.92 9.19 8.39
CA ASP A 164 19.42 9.74 7.16
C ASP A 164 18.93 8.60 6.20
N ARG A 165 17.64 8.55 5.91
CA ARG A 165 17.11 7.58 4.93
C ARG A 165 17.57 7.85 3.52
N SER A 166 18.00 9.08 3.26
CA SER A 166 18.53 9.48 1.98
C SER A 166 20.04 9.70 2.05
N CYS A 167 20.74 9.05 2.97
CA CYS A 167 22.20 9.23 3.06
C CYS A 167 22.86 8.92 1.73
N TYR A 168 23.66 9.86 1.23
CA TYR A 168 24.46 9.67 0.01
C TYR A 168 25.90 9.21 0.32
N ILE A 169 26.22 9.05 1.58
CA ILE A 169 27.57 8.69 1.99
C ILE A 169 27.70 7.24 2.42
N CYS A 170 26.80 6.80 3.25
CA CYS A 170 26.95 5.52 3.90
C CYS A 170 26.72 4.38 2.87
N HIS A 171 27.45 3.29 3.06
CA HIS A 171 27.40 2.14 2.18
C HIS A 171 26.20 1.29 2.55
N ARG A 172 25.49 0.85 1.51
CA ARG A 172 24.29 0.05 1.62
C ARG A 172 24.58 -1.25 0.93
N GLN A 173 23.84 -2.28 1.31
CA GLN A 173 23.95 -3.58 0.69
C GLN A 173 22.57 -4.13 0.36
N LEU A 174 22.44 -4.73 -0.82
CA LEU A 174 21.27 -5.48 -1.23
C LEU A 174 21.75 -6.85 -1.64
N LEU A 175 20.82 -7.77 -1.62
CA LEU A 175 21.02 -9.08 -2.20
C LEU A 175 20.26 -9.20 -3.51
N PHE A 176 20.91 -9.83 -4.49
CA PHE A 176 20.28 -10.24 -5.73
C PHE A 176 20.21 -11.78 -5.70
N CYS A 177 18.99 -12.31 -5.65
CA CYS A 177 18.72 -13.64 -5.22
C CYS A 177 18.06 -14.48 -6.27
N ARG A 178 18.34 -15.77 -6.23
CA ARG A 178 17.67 -16.76 -7.03
C ARG A 178 16.49 -17.27 -6.20
N VAL A 179 15.28 -17.11 -6.75
CA VAL A 179 14.05 -17.38 -6.06
C VAL A 179 13.18 -18.33 -6.87
N THR A 180 12.70 -19.39 -6.23
CA THR A 180 11.79 -20.32 -6.84
C THR A 180 10.39 -19.90 -6.49
N LEU A 181 9.62 -19.57 -7.52
CA LEU A 181 8.24 -19.14 -7.29
C LEU A 181 7.27 -20.27 -7.50
N GLY A 182 7.67 -21.30 -8.23
CA GLY A 182 6.73 -22.30 -8.67
C GLY A 182 5.39 -21.71 -9.12
N LYS A 183 4.29 -22.33 -8.69
CA LYS A 183 2.96 -21.85 -9.02
C LYS A 183 2.65 -20.68 -8.12
N SER A 184 2.59 -19.48 -8.69
CA SER A 184 2.50 -18.26 -7.86
C SER A 184 1.05 -17.74 -7.83
N PHE A 185 0.56 -17.45 -6.65
CA PHE A 185 -0.79 -16.87 -6.50
C PHE A 185 -0.77 -15.39 -6.95
N LEU A 186 -1.57 -15.06 -7.95
CA LEU A 186 -1.58 -13.71 -8.52
C LEU A 186 -2.51 -12.81 -7.71
N GLN A 187 -1.95 -11.82 -7.05
CA GLN A 187 -2.72 -10.86 -6.28
C GLN A 187 -2.65 -9.51 -7.01
N PHE A 188 -3.78 -9.00 -7.49
CA PHE A 188 -3.82 -7.70 -8.14
C PHE A 188 -3.85 -6.73 -7.00
N SER A 189 -3.11 -5.64 -7.08
CA SER A 189 -3.00 -4.85 -5.85
C SER A 189 -2.56 -3.46 -6.14
N ALA A 190 -3.00 -2.54 -5.29
CA ALA A 190 -2.54 -1.15 -5.35
C ALA A 190 -1.19 -1.04 -4.66
N MET B 2 5.73 -17.44 10.41
CA MET B 2 5.62 -17.36 8.96
C MET B 2 4.33 -18.03 8.45
N ALA B 3 3.55 -17.31 7.65
CA ALA B 3 2.34 -17.86 7.03
C ALA B 3 2.69 -18.98 6.05
N HIS B 4 1.68 -19.52 5.39
CA HIS B 4 1.87 -20.52 4.36
C HIS B 4 1.40 -19.91 3.05
N SER B 5 1.84 -20.51 1.95
CA SER B 5 1.39 -20.12 0.64
C SER B 5 -0.06 -20.41 0.59
N PRO B 6 -0.80 -19.73 -0.31
CA PRO B 6 -2.16 -20.17 -0.56
C PRO B 6 -2.21 -21.66 -0.97
N PRO B 7 -3.26 -22.38 -0.58
CA PRO B 7 -3.38 -23.79 -1.01
C PRO B 7 -3.16 -24.00 -2.51
N GLY B 8 -2.34 -24.98 -2.88
CA GLY B 8 -2.06 -25.26 -4.30
C GLY B 8 -1.05 -24.31 -4.93
N HIS B 9 -0.41 -23.44 -4.13
CA HIS B 9 0.59 -22.48 -4.61
C HIS B 9 1.90 -22.52 -3.84
N HIS B 10 2.96 -22.00 -4.45
CA HIS B 10 4.31 -21.98 -3.82
C HIS B 10 4.83 -20.60 -3.48
N SER B 11 4.06 -19.58 -3.83
CA SER B 11 4.46 -18.21 -3.63
C SER B 11 3.28 -17.31 -3.93
N VAL B 12 3.46 -16.01 -3.69
CA VAL B 12 2.48 -14.99 -4.03
C VAL B 12 3.15 -13.94 -4.91
N THR B 13 2.47 -13.53 -5.96
CA THR B 13 2.91 -12.40 -6.78
C THR B 13 2.04 -11.18 -6.50
N GLY B 14 2.65 -10.09 -6.10
CA GLY B 14 1.95 -8.83 -5.97
C GLY B 14 2.08 -8.06 -7.26
N ARG B 15 1.00 -8.05 -8.05
CA ARG B 15 0.97 -7.35 -9.33
CA ARG B 15 0.97 -7.32 -9.31
C ARG B 15 0.59 -5.87 -9.14
N PRO B 16 1.44 -4.94 -9.57
CA PRO B 16 1.00 -3.56 -9.45
C PRO B 16 -0.28 -3.27 -10.28
N SER B 17 -1.33 -2.66 -9.65
CA SER B 17 -2.64 -2.29 -10.29
C SER B 17 -3.04 -0.78 -10.29
N VAL B 18 -2.10 0.11 -9.95
CA VAL B 18 -2.36 1.56 -9.96
C VAL B 18 -1.18 2.27 -10.66
N ASN B 19 0.00 2.11 -10.05
CA ASN B 19 1.24 2.69 -10.56
C ASN B 19 1.68 1.82 -11.71
N GLY B 20 1.38 2.39 -12.89
CA GLY B 20 1.81 1.86 -14.15
C GLY B 20 3.28 1.61 -14.28
N LEU B 21 4.15 2.31 -13.53
CA LEU B 21 5.59 2.04 -13.73
C LEU B 21 6.20 0.97 -12.79
N ALA B 22 5.44 0.54 -11.79
CA ALA B 22 5.95 -0.39 -10.76
C ALA B 22 6.10 -1.77 -11.33
N LEU B 23 7.20 -2.43 -11.01
CA LEU B 23 7.33 -3.82 -11.34
C LEU B 23 6.75 -4.69 -10.18
N ALA B 24 6.67 -5.97 -10.42
CA ALA B 24 6.10 -6.90 -9.47
C ALA B 24 6.98 -7.08 -8.22
N GLU B 25 6.31 -7.51 -7.16
CA GLU B 25 6.93 -7.95 -5.89
C GLU B 25 6.45 -9.38 -5.64
N TYR B 26 7.24 -10.16 -4.91
CA TYR B 26 6.94 -11.56 -4.74
C TYR B 26 7.21 -11.96 -3.30
N VAL B 27 6.43 -12.93 -2.82
CA VAL B 27 6.57 -13.47 -1.50
C VAL B 27 6.64 -14.98 -1.49
N ILE B 28 7.64 -15.53 -0.76
CA ILE B 28 7.75 -16.96 -0.52
C ILE B 28 7.60 -17.17 1.00
N TYR B 29 7.24 -18.39 1.35
CA TYR B 29 6.91 -18.70 2.73
C TYR B 29 7.80 -19.82 3.29
N ARG B 30 8.90 -20.10 2.59
CA ARG B 30 9.90 -21.07 3.02
C ARG B 30 11.24 -20.48 2.62
N GLY B 31 12.15 -20.39 3.58
CA GLY B 31 13.48 -19.78 3.34
C GLY B 31 14.32 -20.52 2.31
N GLU B 32 14.05 -21.82 2.19
CA GLU B 32 14.74 -22.69 1.25
C GLU B 32 14.40 -22.38 -0.21
N GLN B 33 13.38 -21.55 -0.44
CA GLN B 33 13.02 -21.13 -1.81
C GLN B 33 13.77 -19.94 -2.36
N ALA B 34 14.83 -19.50 -1.68
CA ALA B 34 15.64 -18.46 -2.20
C ALA B 34 17.10 -18.74 -1.81
N TYR B 35 18.02 -18.33 -2.67
CA TYR B 35 19.44 -18.40 -2.42
C TYR B 35 20.04 -16.99 -2.67
N PRO B 36 20.79 -16.46 -1.68
CA PRO B 36 21.25 -15.08 -1.80
C PRO B 36 22.55 -15.06 -2.60
N GLU B 37 22.44 -14.96 -3.91
CA GLU B 37 23.55 -15.24 -4.86
C GLU B 37 24.60 -14.14 -4.97
N TYR B 38 24.15 -12.89 -5.01
CA TYR B 38 25.06 -11.77 -5.07
C TYR B 38 24.80 -10.77 -3.92
N LEU B 39 25.91 -10.30 -3.31
CA LEU B 39 25.90 -9.20 -2.35
C LEU B 39 26.39 -7.94 -3.08
N ILE B 40 25.51 -6.95 -3.16
CA ILE B 40 25.82 -5.73 -3.88
C ILE B 40 25.97 -4.62 -2.86
N THR B 41 27.16 -3.99 -2.86
CA THR B 41 27.47 -2.88 -1.97
C THR B 41 27.44 -1.60 -2.79
N TYR B 42 26.71 -0.61 -2.31
CA TYR B 42 26.45 0.55 -3.18
C TYR B 42 26.16 1.80 -2.37
N GLN B 43 26.16 2.93 -3.06
CA GLN B 43 25.58 4.14 -2.50
C GLN B 43 24.49 4.61 -3.45
N ILE B 44 23.43 5.21 -2.92
CA ILE B 44 22.50 5.93 -3.78
C ILE B 44 23.17 7.24 -4.19
N MET B 45 22.85 7.74 -5.36
CA MET B 45 23.51 8.97 -5.86
C MET B 45 22.57 10.17 -5.89
N ARG B 46 23.05 11.32 -5.38
CA ARG B 46 22.24 12.52 -5.33
C ARG B 46 22.02 12.99 -6.77
N PRO B 47 20.76 13.12 -7.22
CA PRO B 47 20.58 13.62 -8.59
C PRO B 47 21.15 15.02 -8.82
N GLU B 48 21.48 15.33 -10.04
CA GLU B 48 21.77 16.71 -10.42
C GLU B 48 20.51 17.32 -11.03
N GLY C 30 1.86 16.39 -7.34
CA GLY C 30 2.57 16.84 -6.13
C GLY C 30 2.22 16.04 -4.88
N THR C 31 1.54 14.93 -5.04
CA THR C 31 1.17 14.14 -3.88
C THR C 31 2.24 13.13 -3.50
N ILE C 32 2.52 13.03 -2.20
CA ILE C 32 3.30 11.90 -1.72
C ILE C 32 2.51 11.15 -0.65
N LEU C 33 2.73 9.83 -0.61
CA LEU C 33 2.13 8.98 0.40
C LEU C 33 3.22 8.47 1.34
N ILE C 34 2.95 8.57 2.62
CA ILE C 34 3.86 8.11 3.67
C ILE C 34 3.20 7.00 4.41
N ASP C 35 3.83 5.83 4.43
CA ASP C 35 3.28 4.68 5.16
C ASP C 35 3.32 4.91 6.66
N LEU C 36 2.25 4.56 7.33
CA LEU C 36 2.25 4.57 8.77
C LEU C 36 2.58 3.18 9.27
N SER C 37 3.33 3.11 10.36
CA SER C 37 3.70 1.82 10.97
C SER C 37 2.54 1.33 11.78
N PRO C 38 2.24 0.02 11.72
CA PRO C 38 1.21 -0.53 12.63
C PRO C 38 1.47 -0.28 14.12
N ASP C 39 2.72 -0.01 14.49
CA ASP C 39 3.04 0.26 15.90
C ASP C 39 2.81 1.71 16.27
N ASP C 40 2.52 2.54 15.28
CA ASP C 40 2.25 3.96 15.49
C ASP C 40 0.79 4.11 16.02
N LYS C 41 0.61 4.94 17.04
CA LYS C 41 -0.73 5.22 17.54
C LYS C 41 -1.64 5.84 16.46
N GLU C 42 -1.05 6.59 15.54
CA GLU C 42 -1.86 7.16 14.47
C GLU C 42 -2.52 6.06 13.62
N PHE C 43 -1.75 5.04 13.23
CA PHE C 43 -2.24 3.90 12.50
C PHE C 43 -3.33 3.21 13.31
N GLN C 44 -3.04 2.99 14.59
CA GLN C 44 -3.96 2.25 15.45
C GLN C 44 -5.28 3.00 15.60
N SER C 45 -5.21 4.32 15.66
CA SER C 45 -6.43 5.10 15.78
C SER C 45 -7.33 5.02 14.52
N VAL C 46 -6.70 5.12 13.36
CA VAL C 46 -7.41 5.07 12.12
C VAL C 46 -8.00 3.67 11.93
N GLU C 47 -7.20 2.65 12.21
CA GLU C 47 -7.75 1.28 12.16
C GLU C 47 -8.97 1.16 13.10
N GLU C 48 -8.88 1.70 14.30
CA GLU C 48 -10.02 1.50 15.24
C GLU C 48 -11.26 2.24 14.73
N GLU C 49 -11.06 3.40 14.13
CA GLU C 49 -12.17 4.12 13.54
C GLU C 49 -12.81 3.29 12.39
N MET C 50 -12.00 2.68 11.52
CA MET C 50 -12.51 1.73 10.52
C MET C 50 -13.30 0.57 11.14
N GLN C 51 -12.63 -0.16 12.02
CA GLN C 51 -13.22 -1.35 12.59
C GLN C 51 -14.45 -1.04 13.43
N SER C 52 -14.39 0.00 14.25
CA SER C 52 -15.51 0.22 15.19
C SER C 52 -16.76 0.77 14.47
N THR C 53 -16.65 1.22 13.21
CA THR C 53 -17.83 1.81 12.52
C THR C 53 -18.38 0.90 11.41
N VAL C 54 -17.99 -0.36 11.40
CA VAL C 54 -18.73 -1.35 10.60
C VAL C 54 -20.13 -1.63 11.21
N ARG C 55 -21.17 -1.70 10.37
CA ARG C 55 -22.49 -2.12 10.83
C ARG C 55 -23.08 -3.05 9.78
N GLU C 56 -24.21 -3.63 10.11
CA GLU C 56 -25.01 -4.38 9.13
C GLU C 56 -25.69 -3.39 8.21
N HIS C 57 -25.85 -3.80 6.96
CA HIS C 57 -26.56 -3.02 5.98
C HIS C 57 -27.82 -3.73 5.55
N ARG C 58 -28.85 -2.96 5.22
CA ARG C 58 -30.19 -3.49 4.92
C ARG C 58 -30.26 -4.27 3.65
N ASP C 59 -29.25 -4.11 2.77
CA ASP C 59 -29.14 -4.94 1.57
C ASP C 59 -28.55 -6.32 1.79
N GLY C 60 -28.32 -6.69 3.06
CA GLY C 60 -27.73 -7.99 3.40
C GLY C 60 -26.27 -8.20 2.91
N GLY C 61 -25.56 -7.16 2.51
CA GLY C 61 -24.24 -7.34 1.92
C GLY C 61 -24.17 -7.14 0.41
N HIS C 62 -25.33 -6.99 -0.25
CA HIS C 62 -25.38 -6.95 -1.70
C HIS C 62 -24.32 -6.03 -2.31
N ALA C 63 -24.27 -4.80 -1.84
CA ALA C 63 -23.39 -3.76 -2.43
C ALA C 63 -21.94 -3.86 -1.96
N GLY C 64 -21.73 -4.01 -0.66
CA GLY C 64 -20.41 -3.97 -0.06
C GLY C 64 -19.76 -5.28 0.32
N GLY C 65 -20.54 -6.36 0.33
CA GLY C 65 -20.06 -7.64 0.88
C GLY C 65 -20.55 -8.00 2.27
N ILE C 66 -20.29 -9.25 2.66
CA ILE C 66 -20.71 -9.75 3.96
C ILE C 66 -19.43 -9.81 4.79
N PHE C 67 -19.40 -9.03 5.87
CA PHE C 67 -18.27 -8.96 6.80
C PHE C 67 -18.66 -8.23 8.09
N ASN C 68 -17.94 -8.50 9.16
CA ASN C 68 -18.07 -7.80 10.41
C ASN C 68 -16.81 -6.97 10.70
N ARG C 69 -15.73 -7.18 9.95
CA ARG C 69 -14.50 -6.53 10.22
C ARG C 69 -13.60 -6.56 8.99
N TYR C 70 -12.53 -5.76 9.05
CA TYR C 70 -11.59 -5.68 7.96
C TYR C 70 -10.24 -6.27 8.34
N ASN C 71 -9.49 -6.66 7.33
CA ASN C 71 -8.04 -6.86 7.43
C ASN C 71 -7.37 -5.59 6.88
N ILE C 72 -6.82 -4.74 7.74
CA ILE C 72 -6.18 -3.52 7.32
C ILE C 72 -4.76 -3.88 6.84
N LEU C 73 -4.47 -3.63 5.58
CA LEU C 73 -3.18 -3.96 5.00
C LEU C 73 -2.18 -2.80 5.07
N LYS C 74 -2.66 -1.57 4.93
CA LYS C 74 -1.80 -0.43 4.87
C LYS C 74 -2.60 0.85 5.14
N ILE C 75 -1.99 1.77 5.86
CA ILE C 75 -2.54 3.09 6.01
C ILE C 75 -1.47 4.11 5.60
N GLN C 76 -1.79 4.91 4.60
CA GLN C 76 -0.91 5.98 4.15
C GLN C 76 -1.44 7.39 4.39
N LYS C 77 -0.56 8.25 4.87
CA LYS C 77 -0.83 9.66 5.04
C LYS C 77 -0.60 10.31 3.65
N VAL C 78 -1.57 11.09 3.21
CA VAL C 78 -1.58 11.72 1.91
C VAL C 78 -1.14 13.17 2.02
N CYS C 79 -0.05 13.52 1.34
CA CYS C 79 0.57 14.83 1.53
C CYS C 79 0.64 15.57 0.22
N ASN C 80 -0.05 16.69 0.15
CA ASN C 80 -0.02 17.52 -1.03
C ASN C 80 -0.29 18.94 -0.56
N LYS C 81 0.78 19.74 -0.64
CA LYS C 81 0.84 21.09 -0.12
C LYS C 81 -0.19 21.96 -0.81
N LYS C 82 -0.30 21.85 -2.11
CA LYS C 82 -1.25 22.65 -2.88
C LYS C 82 -2.73 22.31 -2.58
N LEU C 83 -3.06 21.02 -2.53
CA LEU C 83 -4.40 20.58 -2.16
C LEU C 83 -4.72 20.95 -0.72
N TRP C 84 -3.71 20.89 0.14
CA TRP C 84 -3.89 21.25 1.54
C TRP C 84 -4.20 22.75 1.65
N GLU C 85 -3.39 23.58 0.99
CA GLU C 85 -3.61 25.01 1.00
C GLU C 85 -4.98 25.39 0.41
N ARG C 86 -5.37 24.76 -0.69
CA ARG C 86 -6.74 24.91 -1.20
C ARG C 86 -7.82 24.57 -0.12
N TYR C 87 -7.63 23.44 0.56
CA TYR C 87 -8.53 23.06 1.65
C TYR C 87 -8.60 24.11 2.79
N THR C 88 -7.46 24.52 3.34
CA THR C 88 -7.41 25.43 4.50
C THR C 88 -7.88 26.84 4.18
N HIS C 89 -7.74 27.24 2.92
CA HIS C 89 -8.28 28.52 2.48
C HIS C 89 -9.80 28.49 2.51
N ARG C 90 -10.36 27.44 1.93
CA ARG C 90 -11.80 27.27 1.94
C ARG C 90 -12.31 27.11 3.39
N ARG C 91 -11.55 26.41 4.22
CA ARG C 91 -11.98 26.16 5.61
C ARG C 91 -12.07 27.49 6.41
N LYS C 92 -11.11 28.38 6.15
CA LYS C 92 -11.10 29.74 6.74
C LYS C 92 -12.31 30.57 6.27
N GLU C 93 -12.64 30.55 4.98
CA GLU C 93 -13.86 31.24 4.51
C GLU C 93 -15.12 30.69 5.19
N VAL C 94 -15.26 29.35 5.21
CA VAL C 94 -16.45 28.71 5.81
C VAL C 94 -16.48 29.03 7.29
N SER C 95 -15.35 28.87 7.93
CA SER C 95 -15.26 29.16 9.34
C SER C 95 -15.76 30.60 9.67
N GLU C 96 -15.26 31.57 8.92
CA GLU C 96 -15.66 32.98 9.13
C GLU C 96 -17.15 33.17 8.86
N GLU C 97 -17.68 32.57 7.80
CA GLU C 97 -19.07 32.66 7.54
C GLU C 97 -19.92 32.00 8.60
N ASN C 98 -19.39 30.99 9.30
CA ASN C 98 -20.15 30.27 10.32
C ASN C 98 -19.66 30.71 11.71
N HIS C 99 -19.26 31.98 11.82
CA HIS C 99 -18.93 32.61 13.11
C HIS C 99 -17.85 31.87 13.89
N ASN C 100 -16.71 31.73 13.20
CA ASN C 100 -15.51 31.06 13.66
C ASN C 100 -15.69 29.61 14.12
N HIS C 101 -16.37 28.82 13.30
CA HIS C 101 -16.56 27.41 13.57
C HIS C 101 -16.56 26.67 12.23
N ALA C 102 -15.45 25.99 11.95
CA ALA C 102 -15.31 25.23 10.73
C ALA C 102 -16.23 24.02 10.72
N ASN C 103 -16.50 23.45 11.91
CA ASN C 103 -17.31 22.25 12.06
C ASN C 103 -16.64 21.11 11.27
N GLU C 104 -15.35 20.94 11.50
CA GLU C 104 -14.53 20.01 10.73
C GLU C 104 -14.59 18.61 11.32
N ARG C 105 -14.78 17.60 10.47
CA ARG C 105 -14.91 16.22 10.88
C ARG C 105 -13.84 15.34 10.21
N MET C 106 -13.64 14.14 10.73
CA MET C 106 -12.98 13.10 9.93
C MET C 106 -14.02 12.10 9.49
N LEU C 107 -14.07 11.84 8.19
CA LEU C 107 -15.13 11.02 7.59
C LEU C 107 -14.63 10.14 6.43
N PHE C 108 -15.25 9.00 6.26
CA PHE C 108 -14.87 8.04 5.21
C PHE C 108 -15.45 8.42 3.85
N HIS C 109 -14.69 8.08 2.79
CA HIS C 109 -15.16 8.20 1.43
C HIS C 109 -14.67 7.00 0.63
N GLY C 110 -15.59 6.31 -0.04
CA GLY C 110 -15.22 5.18 -0.86
C GLY C 110 -15.60 5.51 -2.30
N SER C 111 -14.70 5.23 -3.22
CA SER C 111 -14.95 5.58 -4.60
C SER C 111 -14.01 4.84 -5.54
N PRO C 112 -14.50 4.54 -6.75
CA PRO C 112 -13.60 4.04 -7.78
C PRO C 112 -12.55 5.07 -8.20
N PHE C 113 -12.74 6.34 -7.88
CA PHE C 113 -11.79 7.37 -8.31
C PHE C 113 -10.75 7.80 -7.24
N VAL C 114 -10.54 6.94 -6.24
CA VAL C 114 -9.64 7.29 -5.13
C VAL C 114 -8.24 7.69 -5.64
N ASN C 115 -7.74 7.03 -6.68
CA ASN C 115 -6.42 7.39 -7.24
C ASN C 115 -6.40 8.83 -7.76
N ALA C 116 -7.41 9.21 -8.52
CA ALA C 116 -7.53 10.57 -8.99
C ALA C 116 -7.66 11.57 -7.85
N ILE C 117 -8.50 11.23 -6.86
CA ILE C 117 -8.73 12.11 -5.73
C ILE C 117 -7.45 12.49 -4.99
N ILE C 118 -6.58 11.53 -4.71
CA ILE C 118 -5.41 11.85 -3.91
C ILE C 118 -4.39 12.67 -4.71
N HIS C 119 -4.47 12.64 -6.04
CA HIS C 119 -3.52 13.38 -6.87
C HIS C 119 -4.02 14.74 -7.22
N LYS C 120 -5.32 14.85 -7.51
CA LYS C 120 -5.92 16.08 -8.02
C LYS C 120 -6.94 16.73 -7.11
N GLY C 121 -7.35 16.05 -6.03
CA GLY C 121 -8.36 16.64 -5.11
C GLY C 121 -9.76 16.21 -5.44
N PHE C 122 -10.71 16.50 -4.55
CA PHE C 122 -12.11 16.30 -4.89
C PHE C 122 -12.58 17.41 -5.83
N ASP C 123 -13.46 17.07 -6.76
CA ASP C 123 -14.19 18.05 -7.55
C ASP C 123 -15.45 17.38 -8.11
N GLU C 124 -16.20 18.15 -8.91
CA GLU C 124 -17.49 17.67 -9.42
C GLU C 124 -17.48 16.28 -10.09
N ARG C 125 -16.36 15.81 -10.64
CA ARG C 125 -16.38 14.43 -11.19
C ARG C 125 -16.52 13.39 -10.07
N HIS C 126 -16.27 13.79 -8.83
CA HIS C 126 -16.42 12.85 -7.68
C HIS C 126 -17.79 12.93 -6.98
N ALA C 127 -18.71 13.71 -7.54
CA ALA C 127 -20.05 13.91 -6.98
C ALA C 127 -20.95 12.74 -7.33
N TYR C 128 -21.93 12.51 -6.47
CA TYR C 128 -22.92 11.42 -6.64
C TYR C 128 -24.15 12.10 -7.16
N ILE C 129 -24.27 12.15 -8.47
CA ILE C 129 -25.30 13.00 -9.07
C ILE C 129 -26.67 12.64 -8.55
N GLY C 130 -26.95 11.35 -8.41
CA GLY C 130 -28.27 10.95 -7.97
C GLY C 130 -28.41 10.64 -6.49
N GLY C 131 -27.54 11.20 -5.65
CA GLY C 131 -27.65 10.89 -4.21
C GLY C 131 -28.93 11.50 -3.61
N MET C 132 -29.41 10.92 -2.52
CA MET C 132 -30.63 11.42 -1.86
C MET C 132 -30.59 12.86 -1.31
N PHE C 133 -29.41 13.44 -1.13
CA PHE C 133 -29.34 14.82 -0.68
C PHE C 133 -28.73 15.70 -1.76
N GLY C 134 -29.02 15.37 -3.02
CA GLY C 134 -28.57 16.15 -4.15
C GLY C 134 -27.18 15.77 -4.63
N ALA C 135 -26.79 16.41 -5.73
CA ALA C 135 -25.56 16.12 -6.46
C ALA C 135 -24.40 16.80 -5.76
N GLY C 136 -23.71 16.04 -4.92
CA GLY C 136 -22.61 16.59 -4.14
C GLY C 136 -21.69 15.44 -3.81
N ILE C 137 -20.67 15.71 -3.04
CA ILE C 137 -19.69 14.68 -2.69
C ILE C 137 -20.06 14.15 -1.28
N TYR C 138 -20.23 12.82 -1.20
CA TYR C 138 -20.79 12.14 -0.03
C TYR C 138 -19.69 11.53 0.87
N PHE C 139 -19.89 11.60 2.18
CA PHE C 139 -18.96 11.07 3.17
C PHE C 139 -19.81 10.32 4.20
N ALA C 140 -19.21 9.31 4.83
CA ALA C 140 -19.88 8.50 5.84
C ALA C 140 -19.13 8.41 7.16
N GLU C 141 -19.90 8.36 8.25
CA GLU C 141 -19.35 7.99 9.57
C GLU C 141 -19.16 6.48 9.70
N ASN C 142 -20.02 5.70 9.04
CA ASN C 142 -19.80 4.29 8.96
C ASN C 142 -18.80 3.97 7.86
N SER C 143 -17.67 3.35 8.22
CA SER C 143 -16.73 2.87 7.21
C SER C 143 -17.42 1.87 6.23
N SER C 144 -18.35 1.08 6.76
CA SER C 144 -19.00 0.04 5.96
C SER C 144 -19.95 0.67 4.92
N LYS C 145 -20.39 1.90 5.18
CA LYS C 145 -21.23 2.61 4.23
C LYS C 145 -20.36 3.04 3.05
N SER C 146 -19.21 3.67 3.32
CA SER C 146 -18.26 4.02 2.26
C SER C 146 -17.75 2.77 1.47
N ASN C 147 -17.59 1.63 2.14
CA ASN C 147 -17.16 0.38 1.49
C ASN C 147 -18.16 -0.05 0.39
N GLN C 148 -19.43 0.31 0.56
CA GLN C 148 -20.48 0.03 -0.50
C GLN C 148 -20.25 0.78 -1.83
N TYR C 149 -19.39 1.80 -1.84
CA TYR C 149 -19.12 2.63 -3.03
C TYR C 149 -17.73 2.45 -3.66
N VAL C 150 -16.89 1.61 -3.04
CA VAL C 150 -15.54 1.38 -3.51
C VAL C 150 -15.53 0.86 -4.94
N TYR C 151 -16.47 0.00 -5.29
CA TYR C 151 -16.52 -0.52 -6.65
C TYR C 151 -17.57 0.15 -7.52
N GLY C 152 -18.14 1.26 -7.07
CA GLY C 152 -19.15 2.00 -7.85
C GLY C 152 -20.44 2.11 -7.06
N ILE C 153 -21.38 2.87 -7.59
CA ILE C 153 -22.73 2.97 -7.00
CA ILE C 153 -22.74 2.98 -7.00
C ILE C 153 -23.33 1.57 -6.85
N GLY C 154 -23.88 1.26 -5.68
CA GLY C 154 -24.45 -0.06 -5.46
C GLY C 154 -23.40 -1.19 -5.48
N GLY C 155 -22.13 -0.83 -5.37
CA GLY C 155 -21.03 -1.77 -5.48
C GLY C 155 -20.61 -2.13 -6.91
N GLY C 156 -21.22 -1.46 -7.92
CA GLY C 156 -21.00 -1.74 -9.32
C GLY C 156 -21.15 -3.19 -9.63
N THR C 157 -20.17 -3.78 -10.31
CA THR C 157 -20.12 -5.24 -10.52
C THR C 157 -19.04 -5.89 -9.64
N GLY C 158 -18.62 -5.23 -8.57
CA GLY C 158 -17.67 -5.79 -7.61
C GLY C 158 -16.24 -5.71 -8.09
N CYS C 159 -15.37 -6.53 -7.56
CA CYS C 159 -13.97 -6.39 -7.88
C CYS C 159 -13.71 -6.63 -9.39
N PRO C 160 -12.66 -5.99 -9.91
CA PRO C 160 -12.34 -6.18 -11.34
C PRO C 160 -12.03 -7.61 -11.68
N VAL C 161 -11.29 -8.29 -10.81
CA VAL C 161 -10.82 -9.64 -11.10
C VAL C 161 -11.91 -10.70 -11.06
N HIS C 162 -12.79 -10.66 -10.05
CA HIS C 162 -13.70 -11.74 -9.85
C HIS C 162 -15.14 -11.32 -10.05
N LYS C 163 -15.38 -10.03 -10.29
CA LYS C 163 -16.73 -9.47 -10.35
C LYS C 163 -17.56 -9.90 -9.14
N ASP C 164 -16.97 -9.73 -7.96
CA ASP C 164 -17.57 -10.19 -6.72
C ASP C 164 -17.63 -9.02 -5.77
N ARG C 165 -18.84 -8.53 -5.52
CA ARG C 165 -19.02 -7.42 -4.57
C ARG C 165 -18.58 -7.82 -3.15
N SER C 166 -18.62 -9.11 -2.85
CA SER C 166 -18.20 -9.60 -1.56
C SER C 166 -16.81 -10.27 -1.65
N CYS C 167 -15.97 -9.87 -2.61
CA CYS C 167 -14.63 -10.50 -2.73
C CYS C 167 -13.84 -10.36 -1.43
N TYR C 168 -13.29 -11.47 -0.94
CA TYR C 168 -12.40 -11.48 0.22
C TYR C 168 -10.91 -11.51 -0.12
N ILE C 169 -10.61 -11.48 -1.40
CA ILE C 169 -9.25 -11.62 -1.91
C ILE C 169 -8.68 -10.29 -2.31
N CYS C 170 -9.44 -9.56 -3.12
CA CYS C 170 -8.93 -8.34 -3.74
C CYS C 170 -8.84 -7.21 -2.74
N HIS C 171 -7.75 -6.46 -2.85
CA HIS C 171 -7.48 -5.29 -2.02
C HIS C 171 -8.35 -4.12 -2.39
N ARG C 172 -8.97 -3.51 -1.38
CA ARG C 172 -9.80 -2.31 -1.49
C ARG C 172 -9.11 -1.11 -0.93
N GLN C 173 -9.57 0.07 -1.32
CA GLN C 173 -9.05 1.31 -0.75
C GLN C 173 -10.19 2.23 -0.39
N LEU C 174 -10.10 2.89 0.76
CA LEU C 174 -11.05 3.93 1.21
C LEU C 174 -10.20 5.11 1.62
N LEU C 175 -10.82 6.28 1.67
CA LEU C 175 -10.14 7.44 2.21
C LEU C 175 -10.77 7.79 3.52
N PHE C 176 -9.96 8.32 4.43
CA PHE C 176 -10.49 8.86 5.65
C PHE C 176 -10.07 10.31 5.54
N CYS C 177 -11.05 11.21 5.53
CA CYS C 177 -10.85 12.58 5.01
C CYS C 177 -11.20 13.60 6.03
N ARG C 178 -10.55 14.74 5.92
CA ARG C 178 -10.85 15.88 6.75
C ARG C 178 -11.91 16.69 5.95
N VAL C 179 -13.05 16.97 6.58
CA VAL C 179 -14.22 17.53 5.91
C VAL C 179 -14.77 18.72 6.69
N THR C 180 -14.87 19.85 5.99
CA THR C 180 -15.39 21.07 6.59
C THR C 180 -16.87 21.16 6.37
N LEU C 181 -17.67 21.03 7.42
CA LEU C 181 -19.14 21.03 7.22
C LEU C 181 -19.76 22.40 7.33
N GLY C 182 -19.13 23.31 8.05
CA GLY C 182 -19.74 24.59 8.34
C GLY C 182 -21.09 24.47 9.00
N LYS C 183 -21.98 25.37 8.61
CA LYS C 183 -23.37 25.29 8.98
C LYS C 183 -23.98 24.20 8.15
N SER C 184 -24.26 23.08 8.80
CA SER C 184 -24.77 21.93 8.09
C SER C 184 -26.28 21.83 8.23
N PHE C 185 -26.96 21.63 7.11
CA PHE C 185 -28.40 21.49 7.12
C PHE C 185 -28.75 20.08 7.49
N LEU C 186 -29.53 19.92 8.55
CA LEU C 186 -29.91 18.59 9.05
C LEU C 186 -31.12 18.06 8.28
N GLN C 187 -30.92 16.97 7.57
CA GLN C 187 -31.97 16.35 6.81
C GLN C 187 -32.17 14.97 7.41
N PHE C 188 -33.34 14.71 7.99
CA PHE C 188 -33.58 13.37 8.49
C PHE C 188 -33.90 12.52 7.27
N SER C 189 -33.43 11.29 7.25
CA SER C 189 -33.64 10.42 6.11
C SER C 189 -34.40 9.24 6.56
N ALA C 190 -35.21 8.69 5.67
CA ALA C 190 -36.06 7.57 6.01
C ALA C 190 -35.26 6.26 6.11
N MET C 191 -33.97 6.29 5.78
CA MET C 191 -33.10 5.12 5.99
C MET C 191 -32.89 4.87 7.50
N MET D 2 -22.87 19.85 -10.38
CA MET D 2 -22.89 19.79 -8.88
C MET D 2 -23.87 20.83 -8.27
N ALA D 3 -24.72 20.37 -7.35
CA ALA D 3 -25.78 21.20 -6.74
C ALA D 3 -25.17 22.19 -5.77
N HIS D 4 -26.01 23.02 -5.15
CA HIS D 4 -25.54 24.00 -4.17
C HIS D 4 -26.04 23.61 -2.81
N SER D 5 -25.32 24.05 -1.78
CA SER D 5 -25.80 23.89 -0.42
C SER D 5 -27.10 24.64 -0.32
N PRO D 6 -27.96 24.22 0.62
CA PRO D 6 -29.12 25.03 0.95
C PRO D 6 -28.69 26.43 1.39
N PRO D 7 -29.51 27.44 1.07
CA PRO D 7 -29.15 28.81 1.41
C PRO D 7 -28.68 28.97 2.85
N GLY D 8 -27.58 29.69 3.02
CA GLY D 8 -27.02 29.95 4.33
C GLY D 8 -26.35 28.73 4.97
N HIS D 9 -26.15 27.65 4.20
CA HIS D 9 -25.49 26.42 4.74
C HIS D 9 -24.29 26.03 3.88
N HIS D 10 -23.39 25.21 4.44
CA HIS D 10 -22.18 24.78 3.73
C HIS D 10 -22.12 23.28 3.47
N SER D 11 -23.13 22.55 3.93
CA SER D 11 -23.18 21.13 3.75
C SER D 11 -24.55 20.62 4.13
N VAL D 12 -24.79 19.35 3.87
CA VAL D 12 -25.98 18.67 4.36
C VAL D 12 -25.57 17.49 5.23
N THR D 13 -26.29 17.30 6.35
CA THR D 13 -26.13 16.14 7.21
C THR D 13 -27.37 15.29 6.97
N GLY D 14 -27.14 14.11 6.40
CA GLY D 14 -28.14 13.10 6.21
C GLY D 14 -28.14 12.12 7.34
N ARG D 15 -29.17 12.17 8.18
CA ARG D 15 -29.18 11.42 9.43
C ARG D 15 -30.28 10.36 9.42
N PRO D 16 -29.89 9.08 9.39
CA PRO D 16 -30.92 8.05 9.32
C PRO D 16 -31.83 8.09 10.53
N SER D 17 -33.14 8.07 10.31
CA SER D 17 -34.11 8.11 11.40
C SER D 17 -34.78 6.76 11.68
N VAL D 18 -34.58 5.75 10.83
CA VAL D 18 -35.24 4.44 11.05
C VAL D 18 -34.29 3.40 11.65
N ASN D 19 -33.15 3.18 11.01
CA ASN D 19 -32.14 2.30 11.57
C ASN D 19 -31.32 3.04 12.65
N GLY D 20 -31.57 2.69 13.91
CA GLY D 20 -30.94 3.43 15.00
C GLY D 20 -29.44 3.16 15.17
N LEU D 21 -28.92 2.16 14.45
CA LEU D 21 -27.50 1.87 14.49
C LEU D 21 -26.80 2.49 13.30
N ALA D 22 -27.54 3.09 12.39
CA ALA D 22 -26.92 3.68 11.20
C ALA D 22 -26.45 5.09 11.52
N LEU D 23 -25.19 5.35 11.21
CA LEU D 23 -24.62 6.68 11.47
C LEU D 23 -24.92 7.65 10.33
N ALA D 24 -24.49 8.90 10.48
CA ALA D 24 -24.81 9.92 9.47
C ALA D 24 -23.94 9.84 8.22
N GLU D 25 -24.51 10.41 7.16
CA GLU D 25 -23.80 10.69 5.94
C GLU D 25 -23.82 12.20 5.76
N TYR D 26 -22.80 12.73 5.07
CA TYR D 26 -22.63 14.16 4.90
C TYR D 26 -22.31 14.44 3.45
N VAL D 27 -22.81 15.60 2.99
CA VAL D 27 -22.65 16.04 1.63
C VAL D 27 -22.11 17.42 1.61
N ILE D 28 -21.06 17.60 0.80
CA ILE D 28 -20.54 18.90 0.44
C ILE D 28 -20.69 19.15 -1.04
N TYR D 29 -20.74 20.43 -1.38
CA TYR D 29 -20.99 20.84 -2.76
C TYR D 29 -19.79 21.59 -3.36
N ARG D 30 -18.66 21.55 -2.67
CA ARG D 30 -17.42 22.19 -3.13
C ARG D 30 -16.34 21.18 -2.82
N GLY D 31 -15.47 20.85 -3.77
CA GLY D 31 -14.40 19.87 -3.53
C GLY D 31 -13.29 20.34 -2.61
N GLU D 32 -13.17 21.67 -2.48
CA GLU D 32 -12.20 22.27 -1.61
C GLU D 32 -12.57 22.14 -0.13
N GLN D 33 -13.79 21.68 0.19
CA GLN D 33 -14.19 21.42 1.57
C GLN D 33 -13.86 20.04 2.13
N ALA D 34 -13.06 19.25 1.41
CA ALA D 34 -12.53 17.97 1.91
C ALA D 34 -11.06 17.76 1.50
N TYR D 35 -10.29 17.14 2.39
CA TYR D 35 -8.92 16.82 2.09
C TYR D 35 -8.77 15.31 2.38
N PRO D 36 -8.29 14.52 1.38
CA PRO D 36 -8.14 13.08 1.52
C PRO D 36 -6.92 12.74 2.36
N GLU D 37 -7.05 12.85 3.67
CA GLU D 37 -5.91 12.79 4.54
C GLU D 37 -5.23 11.43 4.70
N TYR D 38 -5.99 10.33 4.71
CA TYR D 38 -5.45 8.98 4.82
C TYR D 38 -5.99 8.05 3.74
N LEU D 39 -5.10 7.22 3.19
CA LEU D 39 -5.45 6.20 2.19
C LEU D 39 -5.28 4.83 2.84
N ILE D 40 -6.38 4.09 2.95
CA ILE D 40 -6.43 2.85 3.70
C ILE D 40 -6.65 1.73 2.72
N THR D 41 -5.75 0.76 2.75
CA THR D 41 -5.81 -0.42 1.91
C THR D 41 -6.15 -1.61 2.78
N TYR D 42 -7.15 -2.40 2.36
CA TYR D 42 -7.79 -3.41 3.20
C TYR D 42 -8.52 -4.49 2.42
N GLN D 43 -8.87 -5.54 3.13
CA GLN D 43 -9.77 -6.54 2.64
C GLN D 43 -10.94 -6.61 3.60
N ILE D 44 -12.12 -6.94 3.11
CA ILE D 44 -13.21 -7.33 4.00
C ILE D 44 -12.90 -8.76 4.41
N MET D 45 -13.28 -9.15 5.62
CA MET D 45 -13.01 -10.49 6.12
C MET D 45 -14.29 -11.37 6.15
N ARG D 46 -14.15 -12.62 5.72
CA ARG D 46 -15.31 -13.52 5.74
C ARG D 46 -15.70 -13.90 7.18
N PRO D 47 -16.97 -13.72 7.60
CA PRO D 47 -17.26 -14.10 8.98
C PRO D 47 -17.01 -15.58 9.25
N GLU D 48 -16.70 -15.93 10.47
CA GLU D 48 -16.80 -17.33 10.89
C GLU D 48 -18.14 -17.46 11.57
CAA F08 E . 11.17 -6.52 9.96
OAB F08 E . 10.85 -7.35 8.81
CAC F08 E . 11.97 -7.63 8.09
OAD F08 E . 12.92 -8.25 8.60
CAE F08 E . 11.94 -7.31 6.70
CAJ F08 E . 13.10 -7.29 5.89
CAI F08 E . 13.05 -6.98 4.53
CAF F08 E . 10.74 -6.98 6.07
CAG F08 E . 10.65 -6.68 4.71
CAH F08 E . 11.80 -6.67 3.89
CAK F08 E . 11.65 -6.38 2.49
OAU F08 E . 10.36 -5.99 2.10
CAT F08 E . 10.08 -5.94 0.75
CAS F08 E . 8.74 -5.73 0.35
CAR F08 E . 8.43 -5.72 -1.02
CAQ F08 E . 9.47 -5.91 -1.94
CAP F08 E . 10.79 -6.09 -1.53
CAO F08 E . 11.13 -6.08 -0.20
CAM F08 E . 12.44 -6.32 0.18
OAN F08 E . 13.37 -6.37 -0.64
CAL F08 E . 12.66 -6.58 1.54
S SO4 F . 5.86 2.61 -3.94
O1 SO4 F . 5.34 1.45 -4.68
O2 SO4 F . 6.07 3.56 -5.05
O3 SO4 F . 4.77 2.92 -3.09
O4 SO4 F . 7.07 2.09 -3.25
S SO4 G . 21.14 11.80 -12.13
O1 SO4 G . 21.17 11.07 -13.41
O2 SO4 G . 21.60 13.20 -12.25
O3 SO4 G . 19.74 11.89 -11.64
O4 SO4 G . 21.90 11.00 -11.13
ZN ZN H . 24.92 7.94 6.58
C1 GOL I . -1.29 0.32 -15.19
O1 GOL I . -1.60 1.41 -14.31
C2 GOL I . -1.51 -1.08 -14.58
O2 GOL I . -1.40 -1.13 -13.14
C3 GOL I . -2.88 -1.65 -14.99
O3 GOL I . -3.58 -0.73 -15.86
ZN ZN J . -11.74 -10.15 -6.31
CAA F08 K . -20.96 9.12 -9.84
OAB F08 K . -20.85 8.40 -8.60
CAC F08 K . -19.64 8.48 -7.96
OAD F08 K . -18.57 8.69 -8.57
CAE F08 K . -19.69 8.27 -6.57
CAJ F08 K . -20.90 8.43 -5.87
CAI F08 K . -21.01 8.22 -4.48
CAF F08 K . -18.59 7.85 -5.79
CAG F08 K . -18.68 7.63 -4.41
CAH F08 K . -19.91 7.84 -3.72
CAK F08 K . -20.11 7.68 -2.30
OAU F08 K . -21.46 7.77 -1.86
CAT F08 K . -21.69 7.76 -0.50
CAS F08 K . -23.00 7.93 -0.05
CAR F08 K . -23.26 7.93 1.32
CAQ F08 K . -22.19 7.79 2.22
CAP F08 K . -20.89 7.60 1.78
CAO F08 K . -20.61 7.58 0.41
CAM F08 K . -19.28 7.43 0.00
OAN F08 K . -18.38 7.22 0.82
CAL F08 K . -19.03 7.58 -1.37
S SO4 L . -28.10 0.55 4.29
O1 SO4 L . -29.29 0.96 3.61
O2 SO4 L . -27.48 -0.37 3.29
O3 SO4 L . -27.05 1.52 4.45
O4 SO4 L . -28.35 -0.27 5.50
S SO4 M . -16.03 -12.58 12.47
O1 SO4 M . -17.44 -12.61 12.13
O2 SO4 M . -15.21 -11.94 11.39
O3 SO4 M . -15.81 -11.82 13.70
O4 SO4 M . -15.66 -14.00 12.60
#